data_3I4A
#
_entry.id   3I4A
#
_cell.length_a   47.600
_cell.length_b   80.130
_cell.length_c   73.900
_cell.angle_alpha   90.000
_cell.angle_beta   90.130
_cell.angle_gamma   90.000
#
_symmetry.space_group_name_H-M   'P 1 21 1'
#
loop_
_entity.id
_entity.type
_entity.pdbx_description
1 polymer 'N(G),N(G)-dimethylarginine dimethylaminohydrolase 1'
2 non-polymer N5-(1-iminopropyl)-L-ornithine
3 water water
#
_entity_poly.entity_id   1
_entity_poly.type   'polypeptide(L)'
_entity_poly.pdbx_seq_one_letter_code
;MGSSHHHHHHSSGLVPRGSHMASMAGLGHPAAFGRATHAVVRALPESLGQHALRSAKGEEVDVARAERQHQLYVGVLGSK
LGLQVVELPADESLPDCVFVEDVAVVCEETALITRPGAPSRRKEVDMMKEALEKLQLNIVEMKDENATLDGGDVLFTGRE
FFVGLSKRTNQRGAEILADTFKDYAVSTVPVADGLHLKSFCSMAGPNLIAIGSSESAQKALKIMQQMSDHRYDKLTVPDD
IAANCIYLNIPNKGHVLLHRTPEEYPESAKVYEKLKDHMLIPVSMSELEKVDGLLTCCSVLINKKVDS
;
_entity_poly.pdbx_strand_id   A,B
#
# COMPACT_ATOMS: atom_id res chain seq x y z
N ALA A 31 27.36 -23.10 -0.84
CA ALA A 31 27.69 -22.67 -2.20
C ALA A 31 26.60 -23.05 -3.20
N ALA A 32 25.40 -23.29 -2.69
CA ALA A 32 24.26 -23.72 -3.53
C ALA A 32 23.77 -22.61 -4.44
N PHE A 33 23.17 -22.99 -5.58
CA PHE A 33 22.51 -22.01 -6.43
C PHE A 33 21.31 -21.43 -5.69
N GLY A 34 21.28 -20.10 -5.57
CA GLY A 34 20.17 -19.41 -4.93
C GLY A 34 20.49 -18.95 -3.53
N ARG A 35 21.66 -19.37 -3.04
CA ARG A 35 22.10 -19.01 -1.70
C ARG A 35 22.39 -17.50 -1.62
N ALA A 36 21.77 -16.82 -0.65
CA ALA A 36 21.98 -15.39 -0.49
C ALA A 36 22.14 -15.00 0.98
N THR A 37 22.82 -13.88 1.22
CA THR A 37 23.05 -13.41 2.57
C THR A 37 22.56 -11.96 2.75
N HIS A 38 22.54 -11.24 1.64
CA HIS A 38 22.15 -9.85 1.63
C HIS A 38 21.23 -9.56 0.44
N ALA A 39 20.40 -8.55 0.58
CA ALA A 39 19.60 -8.08 -0.54
C ALA A 39 19.71 -6.57 -0.55
N VAL A 40 19.82 -5.97 -1.74
CA VAL A 40 19.79 -4.52 -1.84
C VAL A 40 18.47 -4.06 -2.45
N VAL A 41 17.74 -3.25 -1.68
CA VAL A 41 16.42 -2.75 -2.08
C VAL A 41 16.40 -1.23 -1.98
N ARG A 42 15.47 -0.58 -2.68
CA ARG A 42 15.38 0.87 -2.63
C ARG A 42 13.94 1.30 -2.55
N ALA A 43 13.66 2.25 -1.65
CA ALA A 43 12.30 2.73 -1.47
C ALA A 43 11.84 3.50 -2.69
N LEU A 44 10.59 3.29 -3.06
CA LEU A 44 9.99 4.00 -4.17
C LEU A 44 9.66 5.45 -3.78
N PRO A 45 9.89 6.38 -4.71
CA PRO A 45 9.64 7.81 -4.54
C PRO A 45 8.15 8.08 -4.78
N GLU A 46 7.63 9.19 -4.25
CA GLU A 46 6.24 9.53 -4.51
C GLU A 46 6.06 9.80 -6.00
N SER A 47 7.14 10.25 -6.62
CA SER A 47 7.14 10.64 -8.03
C SER A 47 6.93 9.45 -8.97
N LEU A 48 7.00 8.24 -8.43
CA LEU A 48 6.77 7.04 -9.24
C LEU A 48 5.34 6.99 -9.73
N GLY A 49 4.42 7.50 -8.91
CA GLY A 49 3.00 7.42 -9.20
C GLY A 49 2.66 7.96 -10.57
N GLN A 50 3.23 9.11 -10.88
CA GLN A 50 2.89 9.85 -12.10
C GLN A 50 4.07 9.94 -13.07
N HIS A 51 5.27 9.62 -12.62
CA HIS A 51 6.45 9.89 -13.44
C HIS A 51 7.33 8.68 -13.82
N ALA A 52 7.00 7.50 -13.29
CA ALA A 52 7.71 6.28 -13.68
C ALA A 52 7.42 5.88 -15.12
N LEU A 53 8.47 5.53 -15.87
CA LEU A 53 8.29 5.02 -17.21
C LEU A 53 7.40 3.78 -17.18
N ARG A 54 6.50 3.66 -18.16
CA ARG A 54 5.60 2.51 -18.25
C ARG A 54 5.26 2.21 -19.71
N SER A 55 5.56 1.00 -20.16
CA SER A 55 5.45 0.66 -21.58
C SER A 55 4.07 0.95 -22.19
N ALA A 56 3.02 0.87 -21.39
CA ALA A 56 1.68 1.13 -21.90
C ALA A 56 0.83 1.96 -20.94
N LYS A 57 -0.23 2.57 -21.47
CA LYS A 57 -1.17 3.29 -20.64
C LYS A 57 -1.92 2.24 -19.83
N GLY A 58 -2.25 2.56 -18.58
CA GLY A 58 -2.90 1.63 -17.69
C GLY A 58 -3.86 2.33 -16.75
N GLU A 59 -3.96 1.83 -15.53
CA GLU A 59 -4.79 2.47 -14.52
C GLU A 59 -3.92 3.32 -13.59
N GLU A 60 -4.56 4.11 -12.76
CA GLU A 60 -3.87 4.97 -11.80
C GLU A 60 -3.11 4.16 -10.77
N VAL A 61 -1.93 4.64 -10.42
CA VAL A 61 -1.09 3.98 -9.44
C VAL A 61 -1.45 4.47 -8.05
N ASP A 62 -1.81 3.52 -7.18
CA ASP A 62 -2.01 3.82 -5.78
C ASP A 62 -0.65 3.74 -5.13
N VAL A 63 0.02 4.89 -4.96
CA VAL A 63 1.38 4.90 -4.44
C VAL A 63 1.44 4.38 -3.01
N ALA A 64 0.36 4.61 -2.26
CA ALA A 64 0.24 4.07 -0.91
C ALA A 64 0.27 2.55 -0.96
N ARG A 65 -0.58 1.99 -1.81
CA ARG A 65 -0.69 0.54 -1.99
C ARG A 65 0.62 -0.03 -2.50
N ALA A 66 1.25 0.68 -3.42
CA ALA A 66 2.57 0.29 -3.92
C ALA A 66 3.65 0.38 -2.83
N GLU A 67 3.43 1.23 -1.83
CA GLU A 67 4.37 1.37 -0.72
C GLU A 67 4.20 0.19 0.25
N ARG A 68 2.95 -0.21 0.46
CA ARG A 68 2.63 -1.38 1.27
C ARG A 68 3.25 -2.59 0.61
N GLN A 69 2.86 -2.82 -0.64
CA GLN A 69 3.33 -3.98 -1.41
C GLN A 69 4.86 -4.09 -1.41
N HIS A 70 5.55 -2.94 -1.49
CA HIS A 70 7.02 -2.91 -1.41
C HIS A 70 7.53 -3.25 -0.01
N GLN A 71 6.82 -2.80 1.01
CA GLN A 71 7.21 -3.08 2.38
C GLN A 71 7.05 -4.56 2.73
N LEU A 72 6.05 -5.20 2.12
CA LEU A 72 5.79 -6.62 2.32
C LEU A 72 6.80 -7.48 1.57
N TYR A 73 7.23 -7.00 0.40
CA TYR A 73 8.29 -7.63 -0.41
C TYR A 73 9.63 -7.66 0.36
N VAL A 74 10.04 -6.49 0.83
CA VAL A 74 11.23 -6.31 1.65
C VAL A 74 11.14 -7.06 2.98
N GLY A 75 9.92 -7.18 3.50
CA GLY A 75 9.64 -7.87 4.74
C GLY A 75 9.88 -9.37 4.64
N VAL A 76 9.50 -9.98 3.52
CA VAL A 76 9.81 -11.40 3.30
C VAL A 76 11.32 -11.66 3.28
N LEU A 77 12.04 -10.90 2.48
CA LEU A 77 13.48 -11.10 2.32
C LEU A 77 14.23 -10.90 3.63
N GLY A 78 13.98 -9.78 4.29
CA GLY A 78 14.71 -9.43 5.49
C GLY A 78 14.19 -10.15 6.72
N SER A 79 12.94 -9.88 7.07
CA SER A 79 12.40 -10.43 8.31
C SER A 79 12.27 -11.94 8.25
N LYS A 80 11.45 -12.43 7.32
CA LYS A 80 11.09 -13.84 7.28
C LYS A 80 12.24 -14.77 6.90
N LEU A 81 13.08 -14.34 5.96
CA LEU A 81 14.09 -15.21 5.35
C LEU A 81 15.51 -15.02 5.87
N GLY A 82 15.69 -14.06 6.78
CA GLY A 82 16.96 -13.87 7.44
C GLY A 82 18.01 -13.10 6.66
N LEU A 83 17.67 -12.64 5.46
CA LEU A 83 18.64 -11.92 4.63
C LEU A 83 18.97 -10.57 5.25
N GLN A 84 20.23 -10.21 5.25
CA GLN A 84 20.60 -8.85 5.63
C GLN A 84 20.17 -7.90 4.51
N VAL A 85 19.26 -6.99 4.81
CA VAL A 85 18.74 -6.11 3.76
C VAL A 85 19.34 -4.70 3.78
N VAL A 86 19.90 -4.29 2.65
CA VAL A 86 20.35 -2.92 2.43
C VAL A 86 19.22 -2.12 1.77
N GLU A 87 18.65 -1.18 2.50
CA GLU A 87 17.49 -0.43 2.04
C GLU A 87 17.87 1.01 1.70
N LEU A 88 17.94 1.31 0.42
CA LEU A 88 18.38 2.62 -0.02
C LEU A 88 17.23 3.63 0.01
N PRO A 89 17.56 4.92 0.24
CA PRO A 89 16.56 6.00 0.27
C PRO A 89 15.99 6.32 -1.11
N ALA A 90 14.68 6.55 -1.16
CA ALA A 90 14.02 6.99 -2.37
C ALA A 90 14.50 8.38 -2.82
N ASP A 91 14.87 8.49 -4.09
CA ASP A 91 15.14 9.77 -4.71
C ASP A 91 13.90 10.17 -5.50
N GLU A 92 13.42 11.40 -5.32
CA GLU A 92 12.24 11.85 -6.04
C GLU A 92 12.52 12.15 -7.53
N SER A 93 13.71 12.62 -7.83
CA SER A 93 14.07 12.97 -9.19
C SER A 93 14.32 11.73 -10.06
N LEU A 94 14.25 10.55 -9.44
CA LEU A 94 14.40 9.28 -10.15
C LEU A 94 13.17 8.42 -9.90
N PRO A 95 12.07 8.73 -10.60
CA PRO A 95 10.80 8.01 -10.48
C PRO A 95 10.93 6.46 -10.42
N ASP A 96 11.93 5.88 -11.07
CA ASP A 96 12.05 4.42 -11.18
C ASP A 96 13.11 3.78 -10.28
N CYS A 97 13.57 4.53 -9.27
CA CYS A 97 14.70 4.13 -8.41
C CYS A 97 14.49 2.81 -7.63
N VAL A 98 13.23 2.42 -7.47
CA VAL A 98 12.86 1.23 -6.71
C VAL A 98 13.23 -0.08 -7.45
N PHE A 99 13.41 0.01 -8.76
CA PHE A 99 13.83 -1.14 -9.57
C PHE A 99 15.37 -1.30 -9.65
N VAL A 100 15.95 -1.75 -8.54
CA VAL A 100 17.41 -1.79 -8.37
C VAL A 100 18.06 -2.88 -9.20
N GLU A 101 17.30 -3.93 -9.51
CA GLU A 101 17.83 -4.98 -10.34
C GLU A 101 18.42 -4.38 -11.61
N ASP A 102 17.74 -3.41 -12.18
CA ASP A 102 18.18 -2.96 -13.49
C ASP A 102 19.51 -2.22 -13.44
N VAL A 103 19.95 -1.86 -12.24
CA VAL A 103 21.17 -1.04 -12.06
C VAL A 103 22.44 -1.82 -11.73
N ALA A 104 22.30 -3.13 -11.47
CA ALA A 104 23.43 -3.95 -11.10
C ALA A 104 23.22 -5.46 -11.31
N VAL A 105 24.30 -6.16 -11.66
CA VAL A 105 24.32 -7.61 -11.82
C VAL A 105 25.48 -8.22 -11.01
N VAL A 106 25.14 -8.97 -9.98
CA VAL A 106 26.13 -9.56 -9.08
C VAL A 106 26.33 -11.04 -9.40
N CYS A 107 27.60 -11.43 -9.53
CA CYS A 107 27.99 -12.81 -9.70
C CYS A 107 29.18 -13.09 -8.79
N GLU A 108 29.07 -14.13 -7.97
CA GLU A 108 30.12 -14.50 -7.02
C GLU A 108 30.41 -13.33 -6.07
N GLU A 109 31.61 -12.75 -6.16
CA GLU A 109 31.91 -11.56 -5.38
C GLU A 109 32.08 -10.29 -6.24
N THR A 110 31.71 -10.38 -7.51
CA THR A 110 31.85 -9.27 -8.46
C THR A 110 30.49 -8.67 -8.78
N ALA A 111 30.46 -7.34 -8.87
CA ALA A 111 29.22 -6.60 -9.12
C ALA A 111 29.36 -5.75 -10.37
N LEU A 112 28.61 -6.08 -11.41
CA LEU A 112 28.58 -5.26 -12.62
C LEU A 112 27.55 -4.14 -12.49
N ILE A 113 28.03 -2.90 -12.47
CA ILE A 113 27.19 -1.72 -12.39
C ILE A 113 26.81 -1.32 -13.82
N THR A 114 25.53 -1.41 -14.15
CA THR A 114 25.12 -1.28 -15.56
C THR A 114 24.98 0.17 -16.03
N ARG A 115 24.69 0.32 -17.31
CA ARG A 115 24.34 1.60 -17.92
C ARG A 115 22.95 1.42 -18.55
N PRO A 116 21.90 1.64 -17.75
CA PRO A 116 20.52 1.33 -18.15
C PRO A 116 20.16 1.85 -19.54
N GLY A 117 19.21 1.20 -20.18
CA GLY A 117 18.71 1.64 -21.46
C GLY A 117 18.07 3.02 -21.38
N ALA A 118 17.42 3.29 -20.24
CA ALA A 118 16.74 4.58 -20.03
C ALA A 118 17.71 5.64 -19.53
N PRO A 119 18.02 6.64 -20.38
CA PRO A 119 18.99 7.66 -19.99
C PRO A 119 18.67 8.27 -18.65
N SER A 120 17.38 8.48 -18.39
CA SER A 120 16.94 9.12 -17.17
C SER A 120 17.17 8.26 -15.91
N ARG A 121 17.60 7.01 -16.11
CA ARG A 121 17.68 6.06 -14.99
C ARG A 121 19.11 5.85 -14.50
N ARG A 122 20.04 6.57 -15.11
CA ARG A 122 21.46 6.31 -14.91
C ARG A 122 22.03 6.87 -13.60
N LYS A 123 21.29 7.79 -12.98
CA LYS A 123 21.72 8.40 -11.73
C LYS A 123 21.29 7.56 -10.52
N GLU A 124 20.66 6.42 -10.78
CA GLU A 124 20.44 5.42 -9.75
C GLU A 124 21.71 4.62 -9.54
N VAL A 125 22.50 4.50 -10.60
CA VAL A 125 23.82 3.85 -10.57
C VAL A 125 24.65 4.29 -9.35
N ASP A 126 24.54 5.57 -9.03
CA ASP A 126 25.41 6.23 -8.05
C ASP A 126 25.28 5.73 -6.61
N MET A 127 24.04 5.65 -6.11
CA MET A 127 23.79 5.20 -4.74
C MET A 127 23.89 3.69 -4.59
N MET A 128 23.72 2.98 -5.70
CA MET A 128 23.88 1.54 -5.74
C MET A 128 25.37 1.22 -5.69
N LYS A 129 26.12 1.88 -6.57
CA LYS A 129 27.58 1.77 -6.58
C LYS A 129 28.14 1.93 -5.17
N GLU A 130 27.83 3.04 -4.52
CA GLU A 130 28.38 3.34 -3.20
C GLU A 130 27.99 2.35 -2.10
N ALA A 131 26.88 1.63 -2.30
CA ALA A 131 26.39 0.69 -1.30
C ALA A 131 26.96 -0.70 -1.53
N LEU A 132 27.29 -0.98 -2.78
CA LEU A 132 27.95 -2.23 -3.14
C LEU A 132 29.41 -2.16 -2.67
N GLU A 133 29.93 -0.94 -2.55
CA GLU A 133 31.27 -0.71 -2.06
C GLU A 133 31.39 -1.03 -0.57
N LYS A 134 30.31 -0.79 0.17
CA LYS A 134 30.31 -1.06 1.61
C LYS A 134 30.14 -2.56 1.91
N LEU A 135 29.79 -3.33 0.89
CA LEU A 135 29.65 -4.76 1.06
C LEU A 135 30.94 -5.48 0.62
N GLN A 136 31.95 -4.69 0.26
CA GLN A 136 33.25 -5.23 -0.16
C GLN A 136 33.21 -6.00 -1.48
N LEU A 137 32.29 -5.64 -2.37
CA LEU A 137 32.18 -6.31 -3.66
C LEU A 137 33.20 -5.77 -4.66
N ASN A 138 33.57 -6.63 -5.61
CA ASN A 138 34.42 -6.23 -6.73
C ASN A 138 33.55 -5.55 -7.78
N ILE A 139 33.72 -4.24 -7.88
CA ILE A 139 32.85 -3.43 -8.71
C ILE A 139 33.48 -3.19 -10.05
N VAL A 140 32.71 -3.46 -11.11
CA VAL A 140 33.12 -3.13 -12.47
C VAL A 140 32.02 -2.26 -13.06
N GLU A 141 32.39 -1.09 -13.55
CA GLU A 141 31.42 -0.12 -14.06
C GLU A 141 31.30 -0.10 -15.59
N MET A 142 30.07 -0.02 -16.09
CA MET A 142 29.83 0.03 -17.52
C MET A 142 29.77 1.49 -18.00
N LYS A 143 30.93 2.00 -18.42
CA LYS A 143 31.10 3.41 -18.79
C LYS A 143 30.95 3.65 -20.29
N ASP A 144 31.21 2.60 -21.07
CA ASP A 144 31.10 2.63 -22.52
C ASP A 144 29.85 3.37 -23.01
N GLU A 145 30.04 4.62 -23.44
CA GLU A 145 28.95 5.51 -23.87
C GLU A 145 27.99 4.90 -24.91
N ASN A 146 28.41 3.81 -25.55
CA ASN A 146 27.56 3.13 -26.52
C ASN A 146 26.83 1.91 -25.98
N ALA A 147 27.34 1.35 -24.89
CA ALA A 147 26.81 0.11 -24.33
C ALA A 147 25.72 0.39 -23.30
N THR A 148 24.61 -0.32 -23.42
CA THR A 148 23.52 -0.24 -22.44
C THR A 148 23.11 -1.65 -22.03
N LEU A 149 22.63 -1.78 -20.79
CA LEU A 149 22.21 -3.04 -20.21
C LEU A 149 21.31 -2.76 -19.02
N ASP A 150 20.09 -3.26 -19.07
CA ASP A 150 19.24 -3.31 -17.90
C ASP A 150 19.46 -4.67 -17.26
N GLY A 151 19.64 -4.70 -15.94
CA GLY A 151 19.77 -5.95 -15.21
C GLY A 151 18.65 -6.95 -15.46
N GLY A 152 17.42 -6.45 -15.65
CA GLY A 152 16.27 -7.31 -15.90
C GLY A 152 16.38 -8.16 -17.17
N ASP A 153 17.25 -7.71 -18.07
CA ASP A 153 17.53 -8.44 -19.30
C ASP A 153 18.54 -9.57 -19.09
N VAL A 154 18.99 -9.75 -17.85
CA VAL A 154 20.00 -10.77 -17.59
C VAL A 154 19.44 -11.94 -16.77
N LEU A 155 19.55 -13.14 -17.35
CA LEU A 155 19.21 -14.38 -16.67
C LEU A 155 20.46 -15.21 -16.37
N PHE A 156 20.66 -15.52 -15.09
CA PHE A 156 21.82 -16.25 -14.63
C PHE A 156 21.31 -17.52 -14.01
N THR A 157 21.55 -18.64 -14.70
CA THR A 157 21.02 -19.94 -14.28
C THR A 157 21.86 -20.60 -13.18
N GLY A 158 23.01 -20.03 -12.87
CA GLY A 158 23.95 -20.65 -11.95
C GLY A 158 25.11 -21.29 -12.68
N ARG A 159 24.86 -21.71 -13.91
CA ARG A 159 25.95 -22.27 -14.72
C ARG A 159 26.31 -21.46 -15.97
N GLU A 160 25.46 -20.53 -16.37
CA GLU A 160 25.79 -19.60 -17.45
C GLU A 160 24.93 -18.36 -17.39
N PHE A 161 25.04 -17.54 -18.43
CA PHE A 161 24.32 -16.26 -18.54
C PHE A 161 23.53 -16.22 -19.82
N PHE A 162 22.28 -15.82 -19.73
CA PHE A 162 21.48 -15.48 -20.91
C PHE A 162 21.09 -14.00 -20.83
N VAL A 163 21.50 -13.21 -21.82
CA VAL A 163 21.25 -11.76 -21.84
C VAL A 163 20.29 -11.37 -22.95
N GLY A 164 19.20 -10.73 -22.58
CA GLY A 164 18.22 -10.31 -23.57
C GLY A 164 18.69 -9.08 -24.33
N LEU A 165 18.43 -9.07 -25.63
CA LEU A 165 18.70 -7.89 -26.44
C LEU A 165 17.36 -7.22 -26.69
N SER A 166 17.24 -5.97 -26.28
CA SER A 166 15.94 -5.30 -26.24
C SER A 166 16.11 -3.80 -26.40
N LYS A 167 15.05 -3.06 -26.09
CA LYS A 167 15.09 -1.61 -26.12
C LYS A 167 15.87 -1.03 -24.94
N ARG A 168 16.27 -1.90 -24.01
CA ARG A 168 17.06 -1.46 -22.86
C ARG A 168 18.50 -1.97 -22.92
N THR A 169 18.71 -3.09 -23.61
CA THR A 169 20.01 -3.75 -23.60
C THR A 169 20.54 -4.03 -25.01
N ASN A 170 21.78 -3.60 -25.27
CA ASN A 170 22.36 -3.82 -26.59
C ASN A 170 23.50 -4.84 -26.64
N GLN A 171 23.84 -5.21 -27.86
CA GLN A 171 24.91 -6.12 -28.15
C GLN A 171 26.18 -5.74 -27.39
N ARG A 172 26.56 -4.47 -27.47
CA ARG A 172 27.75 -3.98 -26.79
C ARG A 172 27.66 -4.11 -25.28
N GLY A 173 26.44 -3.99 -24.75
CA GLY A 173 26.19 -4.17 -23.33
C GLY A 173 26.39 -5.61 -22.92
N ALA A 174 26.00 -6.52 -23.80
CA ALA A 174 26.11 -7.95 -23.54
C ALA A 174 27.58 -8.36 -23.43
N GLU A 175 28.40 -7.74 -24.28
CA GLU A 175 29.83 -8.05 -24.41
C GLU A 175 30.58 -7.65 -23.16
N ILE A 176 30.27 -6.46 -22.65
CA ILE A 176 30.90 -5.96 -21.43
C ILE A 176 30.56 -6.87 -20.26
N LEU A 177 29.32 -7.35 -20.24
CA LEU A 177 28.91 -8.30 -19.23
C LEU A 177 29.68 -9.61 -19.38
N ALA A 178 29.83 -10.05 -20.64
CA ALA A 178 30.54 -11.29 -20.97
C ALA A 178 31.99 -11.28 -20.49
N ASP A 179 32.56 -10.08 -20.41
CA ASP A 179 33.96 -9.92 -20.02
C ASP A 179 34.13 -9.78 -18.52
N THR A 180 33.16 -9.12 -17.88
CA THR A 180 33.22 -8.90 -16.45
C THR A 180 33.19 -10.26 -15.76
N PHE A 181 32.40 -11.16 -16.32
CA PHE A 181 32.29 -12.50 -15.79
C PHE A 181 32.82 -13.50 -16.84
N LYS A 182 34.12 -13.40 -17.14
CA LYS A 182 34.77 -14.29 -18.10
C LYS A 182 34.71 -15.73 -17.61
N ASP A 183 34.35 -15.86 -16.34
CA ASP A 183 34.22 -17.12 -15.64
C ASP A 183 33.02 -17.91 -16.18
N TYR A 184 32.13 -17.21 -16.88
CA TYR A 184 30.86 -17.78 -17.35
C TYR A 184 30.57 -17.57 -18.82
N ALA A 185 29.95 -18.57 -19.42
CA ALA A 185 29.45 -18.50 -20.79
C ALA A 185 28.28 -17.52 -20.85
N VAL A 186 28.40 -16.52 -21.72
CA VAL A 186 27.26 -15.63 -21.99
C VAL A 186 26.69 -15.94 -23.36
N SER A 187 25.37 -15.90 -23.44
CA SER A 187 24.67 -16.09 -24.71
C SER A 187 23.52 -15.12 -24.75
N THR A 188 23.21 -14.59 -25.94
CA THR A 188 22.15 -13.63 -26.08
C THR A 188 20.93 -14.19 -26.81
N VAL A 189 19.76 -13.67 -26.43
CA VAL A 189 18.49 -13.98 -27.08
C VAL A 189 17.70 -12.69 -27.29
N PRO A 190 17.07 -12.55 -28.48
CA PRO A 190 16.28 -11.39 -28.90
C PRO A 190 14.95 -11.23 -28.16
N VAL A 191 14.71 -10.02 -27.66
CA VAL A 191 13.52 -9.70 -26.88
C VAL A 191 12.56 -8.74 -27.61
N ALA A 192 11.26 -9.00 -27.46
CA ALA A 192 10.21 -8.24 -28.17
C ALA A 192 9.59 -7.09 -27.37
N ASP A 193 8.70 -6.37 -28.04
CA ASP A 193 7.95 -5.23 -27.50
C ASP A 193 8.75 -4.26 -26.63
N GLY A 194 8.15 -3.82 -25.54
CA GLY A 194 8.85 -2.99 -24.57
C GLY A 194 9.02 -3.72 -23.25
N LEU A 195 9.79 -4.81 -23.26
CA LEU A 195 9.98 -5.63 -22.07
C LEU A 195 11.44 -5.96 -21.80
N HIS A 196 11.65 -6.76 -20.75
CA HIS A 196 12.94 -7.40 -20.50
C HIS A 196 12.81 -8.91 -20.71
N LEU A 197 13.94 -9.59 -20.85
CA LEU A 197 13.95 -11.04 -20.94
C LEU A 197 13.23 -11.65 -19.74
N LYS A 198 13.47 -11.10 -18.55
CA LYS A 198 12.85 -11.67 -17.34
C LYS A 198 11.40 -11.21 -17.14
N SER A 199 10.87 -10.46 -18.10
CA SER A 199 9.45 -10.13 -18.11
C SER A 199 8.58 -11.36 -18.37
N PHE A 200 9.23 -12.50 -18.64
CA PHE A 200 8.51 -13.74 -18.93
C PHE A 200 9.24 -15.00 -18.47
N CYS A 201 10.31 -14.81 -17.71
CA CYS A 201 11.06 -15.94 -17.20
C CYS A 201 11.94 -15.57 -16.01
N SER A 202 12.38 -16.61 -15.29
CA SER A 202 13.40 -16.50 -14.25
C SER A 202 13.64 -17.90 -13.70
N MET A 203 14.57 -18.02 -12.76
CA MET A 203 14.89 -19.30 -12.14
C MET A 203 13.91 -19.70 -11.04
N ALA A 204 13.39 -20.93 -11.12
CA ALA A 204 12.46 -21.48 -10.12
C ALA A 204 13.15 -22.46 -9.16
N GLY A 205 14.45 -22.65 -9.37
CA GLY A 205 15.25 -23.61 -8.63
C GLY A 205 16.42 -24.09 -9.47
N PRO A 206 17.34 -24.85 -8.86
CA PRO A 206 18.55 -25.33 -9.53
C PRO A 206 18.25 -26.17 -10.78
N ASN A 207 18.49 -25.60 -11.95
CA ASN A 207 18.18 -26.26 -13.22
C ASN A 207 16.72 -26.19 -13.63
N LEU A 208 16.01 -25.20 -13.11
CA LEU A 208 14.59 -25.03 -13.37
C LEU A 208 14.36 -23.57 -13.72
N ILE A 209 14.02 -23.32 -14.99
CA ILE A 209 13.65 -21.97 -15.43
C ILE A 209 12.14 -21.84 -15.43
N ALA A 210 11.62 -20.80 -14.78
CA ALA A 210 10.19 -20.49 -14.85
C ALA A 210 9.87 -19.82 -16.19
N ILE A 211 8.97 -20.41 -16.96
CA ILE A 211 8.75 -19.91 -18.31
C ILE A 211 7.28 -19.68 -18.60
N GLY A 212 7.00 -18.55 -19.26
CA GLY A 212 5.65 -18.22 -19.72
C GLY A 212 5.19 -19.09 -20.88
N SER A 213 3.88 -19.16 -21.06
CA SER A 213 3.26 -20.05 -22.03
C SER A 213 3.07 -19.39 -23.40
N SER A 214 3.27 -18.08 -23.44
CA SER A 214 3.08 -17.33 -24.66
C SER A 214 4.00 -17.82 -25.79
N GLU A 215 3.67 -17.45 -27.02
CA GLU A 215 4.53 -17.79 -28.15
C GLU A 215 5.89 -17.11 -27.97
N SER A 216 5.88 -15.81 -27.66
CA SER A 216 7.10 -15.04 -27.48
C SER A 216 8.04 -15.66 -26.43
N ALA A 217 7.47 -16.12 -25.33
CA ALA A 217 8.24 -16.76 -24.26
C ALA A 217 8.81 -18.12 -24.71
N GLN A 218 7.98 -18.95 -25.34
CA GLN A 218 8.43 -20.25 -25.80
C GLN A 218 9.59 -20.13 -26.78
N LYS A 219 9.43 -19.24 -27.77
CA LYS A 219 10.49 -18.95 -28.73
C LYS A 219 11.79 -18.59 -28.03
N ALA A 220 11.72 -17.62 -27.12
CA ALA A 220 12.89 -17.21 -26.35
C ALA A 220 13.56 -18.39 -25.69
N LEU A 221 12.79 -19.14 -24.91
CA LEU A 221 13.35 -20.31 -24.22
C LEU A 221 14.06 -21.27 -25.16
N LYS A 222 13.45 -21.56 -26.30
CA LYS A 222 14.00 -22.56 -27.22
C LYS A 222 15.31 -22.10 -27.85
N ILE A 223 15.44 -20.79 -28.09
CA ILE A 223 16.67 -20.20 -28.59
C ILE A 223 17.74 -20.23 -27.49
N MET A 224 17.31 -20.23 -26.23
CA MET A 224 18.21 -20.33 -25.10
C MET A 224 18.70 -21.77 -24.92
N GLN A 225 17.81 -22.71 -25.20
CA GLN A 225 18.05 -24.13 -25.00
C GLN A 225 19.16 -24.61 -25.93
N GLN A 226 19.05 -24.23 -27.20
CA GLN A 226 20.00 -24.61 -28.22
C GLN A 226 21.40 -24.09 -27.90
N MET A 227 21.47 -22.96 -27.21
CA MET A 227 22.74 -22.29 -27.01
C MET A 227 23.56 -22.75 -25.80
N SER A 228 23.07 -23.75 -25.07
CA SER A 228 23.82 -24.23 -23.90
C SER A 228 24.29 -25.68 -24.01
N ASP A 229 25.31 -26.02 -23.22
CA ASP A 229 25.81 -27.39 -23.10
C ASP A 229 25.12 -28.08 -21.93
N HIS A 230 23.89 -27.65 -21.65
CA HIS A 230 23.13 -28.12 -20.51
C HIS A 230 21.64 -28.06 -20.80
N ARG A 231 20.89 -29.04 -20.28
CA ARG A 231 19.46 -29.00 -20.45
C ARG A 231 18.75 -28.63 -19.15
N TYR A 232 18.01 -27.53 -19.21
CA TYR A 232 17.29 -27.02 -18.08
C TYR A 232 15.88 -27.56 -18.10
N ASP A 233 15.39 -27.88 -16.92
CA ASP A 233 14.00 -28.25 -16.76
C ASP A 233 13.16 -27.00 -16.69
N LYS A 234 11.95 -27.09 -17.24
CA LYS A 234 11.13 -25.92 -17.38
C LYS A 234 9.88 -26.03 -16.52
N LEU A 235 9.58 -24.92 -15.84
CA LEU A 235 8.34 -24.76 -15.08
C LEU A 235 7.48 -23.81 -15.89
N THR A 236 6.58 -24.36 -16.69
CA THR A 236 5.75 -23.53 -17.57
C THR A 236 4.52 -23.01 -16.83
N VAL A 237 4.28 -21.70 -16.88
CA VAL A 237 3.07 -21.15 -16.28
C VAL A 237 2.24 -20.41 -17.31
N PRO A 238 0.92 -20.35 -17.09
CA PRO A 238 -0.01 -19.72 -18.04
C PRO A 238 0.34 -18.28 -18.39
N ASP A 239 0.65 -17.50 -17.36
CA ASP A 239 0.82 -16.05 -17.49
C ASP A 239 2.28 -15.73 -17.49
N ASP A 240 2.74 -15.00 -18.50
CA ASP A 240 4.15 -14.68 -18.67
C ASP A 240 4.75 -13.89 -17.51
N ILE A 241 4.00 -12.90 -17.00
CA ILE A 241 4.44 -12.08 -15.88
C ILE A 241 4.67 -12.89 -14.60
N ALA A 242 3.88 -13.94 -14.42
CA ALA A 242 3.99 -14.76 -13.22
C ALA A 242 5.13 -15.79 -13.31
N ALA A 243 5.79 -15.84 -14.47
CA ALA A 243 7.02 -16.63 -14.65
C ALA A 243 8.18 -15.94 -13.95
N ASN A 244 7.98 -14.66 -13.63
CA ASN A 244 8.98 -13.90 -12.88
C ASN A 244 8.79 -14.07 -11.38
N CYS A 245 9.59 -14.94 -10.77
CA CYS A 245 9.54 -15.18 -9.34
C CYS A 245 10.93 -14.94 -8.78
N ILE A 246 11.05 -15.02 -7.46
CA ILE A 246 12.37 -15.07 -6.84
C ILE A 246 12.65 -16.43 -6.20
N TYR A 247 13.73 -17.09 -6.60
CA TYR A 247 14.14 -18.33 -5.93
C TYR A 247 15.35 -18.16 -5.02
N LEU A 248 15.21 -18.62 -3.78
CA LEU A 248 16.29 -18.53 -2.81
C LEU A 248 16.55 -19.88 -2.15
N ASN A 249 17.83 -20.13 -1.87
CA ASN A 249 18.21 -21.26 -1.01
C ASN A 249 18.79 -20.73 0.30
N ILE A 250 17.92 -20.57 1.30
CA ILE A 250 18.31 -20.02 2.60
C ILE A 250 18.54 -21.17 3.60
N PRO A 251 19.51 -20.99 4.52
CA PRO A 251 19.84 -21.98 5.56
C PRO A 251 18.65 -22.56 6.34
N ASN A 252 18.77 -23.86 6.62
CA ASN A 252 17.80 -24.58 7.45
C ASN A 252 16.44 -24.68 6.80
N LYS A 253 16.29 -24.01 5.65
CA LYS A 253 15.01 -23.92 4.97
C LYS A 253 15.00 -24.70 3.66
N GLY A 254 16.07 -24.53 2.88
CA GLY A 254 16.18 -25.18 1.59
C GLY A 254 15.56 -24.36 0.47
N HIS A 255 14.78 -25.01 -0.38
CA HIS A 255 14.08 -24.31 -1.44
C HIS A 255 13.08 -23.28 -0.91
N VAL A 256 13.22 -22.05 -1.40
CA VAL A 256 12.28 -20.99 -1.08
C VAL A 256 11.95 -20.32 -2.40
N LEU A 257 10.69 -19.93 -2.57
CA LEU A 257 10.28 -19.30 -3.82
C LEU A 257 9.21 -18.26 -3.54
N LEU A 258 9.46 -17.02 -3.94
CA LEU A 258 8.45 -15.97 -3.85
C LEU A 258 7.78 -15.92 -5.21
N HIS A 259 6.46 -16.01 -5.24
CA HIS A 259 5.72 -16.11 -6.49
C HIS A 259 4.52 -15.16 -6.47
N ARG A 260 3.98 -14.82 -7.65
CA ARG A 260 2.83 -13.92 -7.73
C ARG A 260 1.57 -14.59 -7.15
N THR A 261 0.84 -13.85 -6.31
CA THR A 261 -0.24 -14.41 -5.52
C THR A 261 -1.35 -14.95 -6.40
N PRO A 262 -2.13 -15.89 -5.87
CA PRO A 262 -3.33 -16.39 -6.56
C PRO A 262 -4.38 -15.30 -6.88
N GLU A 263 -4.51 -14.24 -6.09
CA GLU A 263 -5.45 -13.19 -6.46
C GLU A 263 -5.00 -12.52 -7.76
N GLU A 264 -3.68 -12.48 -7.97
CA GLU A 264 -3.11 -11.86 -9.17
C GLU A 264 -3.13 -12.76 -10.40
N TYR A 265 -2.64 -13.98 -10.25
CA TYR A 265 -2.56 -14.94 -11.35
C TYR A 265 -2.82 -16.33 -10.81
N PRO A 266 -4.09 -16.70 -10.64
CA PRO A 266 -4.49 -17.97 -10.01
C PRO A 266 -3.95 -19.22 -10.70
N GLU A 267 -3.93 -19.22 -12.02
CA GLU A 267 -3.55 -20.40 -12.77
C GLU A 267 -2.05 -20.62 -12.72
N SER A 268 -1.31 -19.54 -12.52
CA SER A 268 0.14 -19.60 -12.37
C SER A 268 0.51 -20.05 -10.98
N ALA A 269 -0.24 -19.59 -9.98
CA ALA A 269 -0.03 -19.99 -8.60
C ALA A 269 -0.29 -21.49 -8.40
N LYS A 270 -1.23 -22.03 -9.18
CA LYS A 270 -1.55 -23.46 -9.18
C LYS A 270 -0.32 -24.32 -9.48
N VAL A 271 0.46 -23.89 -10.46
CA VAL A 271 1.67 -24.60 -10.85
C VAL A 271 2.76 -24.58 -9.79
N TYR A 272 3.02 -23.41 -9.21
CA TYR A 272 4.01 -23.29 -8.14
C TYR A 272 3.62 -24.14 -6.94
N GLU A 273 2.32 -24.15 -6.67
CA GLU A 273 1.75 -24.90 -5.54
C GLU A 273 2.16 -26.38 -5.54
N LYS A 274 2.44 -26.89 -6.74
CA LYS A 274 2.85 -28.29 -6.91
C LYS A 274 4.30 -28.51 -6.46
N LEU A 275 5.13 -27.47 -6.56
CA LEU A 275 6.49 -27.57 -6.06
C LEU A 275 6.43 -27.76 -4.51
N LYS A 276 6.42 -29.04 -4.13
CA LYS A 276 6.23 -29.42 -2.73
C LYS A 276 7.45 -29.29 -1.80
N ASP A 277 8.66 -29.41 -2.35
CA ASP A 277 9.86 -29.24 -1.55
C ASP A 277 10.31 -27.78 -1.45
N HIS A 278 9.49 -26.89 -1.99
CA HIS A 278 9.72 -25.44 -2.01
C HIS A 278 8.86 -24.73 -0.98
N MET A 279 9.47 -23.83 -0.21
CA MET A 279 8.73 -22.98 0.71
C MET A 279 8.08 -21.80 -0.01
N LEU A 280 6.93 -22.07 -0.62
CA LEU A 280 6.20 -21.09 -1.42
C LEU A 280 5.65 -19.90 -0.63
N ILE A 281 6.07 -18.70 -1.04
CA ILE A 281 5.59 -17.45 -0.45
C ILE A 281 4.91 -16.60 -1.53
N PRO A 282 3.60 -16.30 -1.34
CA PRO A 282 2.92 -15.50 -2.36
C PRO A 282 3.27 -14.04 -2.12
N VAL A 283 3.68 -13.32 -3.16
CA VAL A 283 4.02 -11.91 -3.01
C VAL A 283 3.33 -11.07 -4.06
N SER A 284 2.62 -10.04 -3.62
CA SER A 284 1.89 -9.13 -4.52
C SER A 284 2.74 -8.00 -5.09
N MET A 285 2.56 -7.73 -6.38
CA MET A 285 3.28 -6.65 -7.04
C MET A 285 2.39 -5.95 -8.09
N SER A 286 1.10 -5.86 -7.77
CA SER A 286 0.04 -5.36 -8.68
C SER A 286 0.17 -3.90 -9.06
N GLU A 287 0.55 -3.05 -8.12
CA GLU A 287 0.70 -1.63 -8.39
C GLU A 287 1.93 -1.36 -9.26
N LEU A 288 3.09 -1.84 -8.81
CA LEU A 288 4.32 -1.62 -9.54
C LEU A 288 4.26 -2.29 -10.89
N GLU A 289 3.49 -3.37 -10.98
CA GLU A 289 3.35 -4.04 -12.26
C GLU A 289 2.84 -3.05 -13.30
N LYS A 290 1.99 -2.10 -12.87
CA LYS A 290 1.46 -1.06 -13.75
C LYS A 290 2.57 -0.35 -14.53
N VAL A 291 3.73 -0.18 -13.86
CA VAL A 291 4.92 0.39 -14.46
C VAL A 291 5.96 -0.70 -14.75
N ASP A 292 5.47 -1.90 -15.05
CA ASP A 292 6.32 -2.97 -15.55
C ASP A 292 7.31 -3.51 -14.51
N GLY A 293 6.99 -3.32 -13.24
CA GLY A 293 7.74 -3.87 -12.15
C GLY A 293 7.29 -5.28 -11.79
N LEU A 294 8.24 -6.21 -11.79
CA LEU A 294 8.00 -7.57 -11.38
C LEU A 294 8.78 -7.84 -10.09
N LEU A 295 8.86 -9.11 -9.69
CA LEU A 295 9.45 -9.49 -8.40
C LEU A 295 10.96 -9.31 -8.36
N THR A 296 11.65 -9.77 -9.41
CA THR A 296 13.12 -9.71 -9.44
C THR A 296 13.66 -8.29 -9.58
N CYS A 297 12.86 -7.41 -10.17
CA CYS A 297 13.30 -6.07 -10.48
C CYS A 297 13.65 -5.28 -9.22
N CYS A 298 13.09 -5.71 -8.10
CA CYS A 298 13.03 -4.85 -6.92
C CYS A 298 14.15 -5.13 -5.92
N SER A 299 15.06 -6.03 -6.28
CA SER A 299 16.22 -6.28 -5.43
C SER A 299 17.41 -6.85 -6.17
N VAL A 300 18.56 -6.76 -5.52
CA VAL A 300 19.78 -7.40 -5.97
C VAL A 300 20.18 -8.36 -4.86
N LEU A 301 20.37 -9.62 -5.22
CA LEU A 301 20.70 -10.63 -4.22
C LEU A 301 22.19 -10.89 -4.19
N ILE A 302 22.70 -11.15 -2.99
CA ILE A 302 24.13 -11.25 -2.78
C ILE A 302 24.47 -12.40 -1.82
N ASN A 303 25.40 -13.25 -2.23
CA ASN A 303 25.94 -14.25 -1.33
C ASN A 303 27.31 -13.83 -0.79
N LYS A 304 27.33 -13.44 0.48
CA LYS A 304 28.57 -13.07 1.17
C LYS A 304 28.95 -14.26 2.05
N LYS A 305 30.08 -14.89 1.73
CA LYS A 305 30.47 -16.15 2.36
C LYS A 305 31.10 -16.00 3.76
N ALA B 31 -34.34 14.83 17.46
CA ALA B 31 -33.58 15.61 16.49
C ALA B 31 -32.56 16.54 17.15
N ALA B 32 -32.02 16.13 18.29
CA ALA B 32 -30.89 16.85 18.87
C ALA B 32 -29.68 16.66 17.96
N PHE B 33 -28.63 17.46 18.17
CA PHE B 33 -27.38 17.22 17.45
C PHE B 33 -26.91 15.83 17.84
N GLY B 34 -26.24 15.15 16.91
CA GLY B 34 -25.66 13.85 17.19
C GLY B 34 -26.70 12.77 17.39
N ARG B 35 -27.89 13.02 16.88
CA ARG B 35 -28.98 12.05 16.94
C ARG B 35 -28.85 11.12 15.74
N ALA B 36 -28.95 9.83 16.00
CA ALA B 36 -28.86 8.83 14.95
C ALA B 36 -29.93 7.77 15.17
N THR B 37 -30.34 7.11 14.10
CA THR B 37 -31.22 5.96 14.23
C THR B 37 -30.50 4.70 13.73
N HIS B 38 -29.55 4.91 12.83
CA HIS B 38 -28.92 3.83 12.08
C HIS B 38 -27.40 3.95 12.09
N ALA B 39 -26.72 2.85 11.85
CA ALA B 39 -25.29 2.88 11.63
C ALA B 39 -24.92 1.83 10.61
N VAL B 40 -24.14 2.23 9.61
CA VAL B 40 -23.58 1.30 8.66
C VAL B 40 -22.12 1.02 9.00
N VAL B 41 -21.77 -0.26 9.06
CA VAL B 41 -20.41 -0.70 9.32
C VAL B 41 -20.05 -1.78 8.31
N ARG B 42 -18.84 -2.33 8.42
CA ARG B 42 -18.43 -3.38 7.51
C ARG B 42 -17.30 -4.19 8.13
N ALA B 43 -17.40 -5.51 8.05
CA ALA B 43 -16.45 -6.38 8.74
C ALA B 43 -15.05 -6.29 8.13
N LEU B 44 -14.03 -6.48 8.96
CA LEU B 44 -12.66 -6.38 8.47
C LEU B 44 -12.18 -7.71 7.90
N PRO B 45 -11.52 -7.67 6.74
CA PRO B 45 -10.91 -8.84 6.09
C PRO B 45 -9.72 -9.37 6.88
N GLU B 46 -9.45 -10.66 6.77
CA GLU B 46 -8.26 -11.22 7.41
C GLU B 46 -7.02 -10.67 6.71
N SER B 47 -7.26 -10.01 5.57
CA SER B 47 -6.22 -9.39 4.74
C SER B 47 -5.90 -7.96 5.14
N LEU B 48 -6.51 -7.49 6.23
CA LEU B 48 -6.23 -6.17 6.75
C LEU B 48 -4.89 -6.17 7.47
N GLY B 49 -4.69 -7.17 8.31
CA GLY B 49 -3.50 -7.22 9.17
C GLY B 49 -2.20 -6.95 8.44
N GLN B 50 -2.10 -7.47 7.22
CA GLN B 50 -0.86 -7.43 6.44
C GLN B 50 -0.95 -6.44 5.29
N HIS B 51 -2.15 -6.23 4.77
CA HIS B 51 -2.27 -5.51 3.52
C HIS B 51 -3.07 -4.20 3.63
N ALA B 52 -3.64 -3.96 4.81
CA ALA B 52 -4.24 -2.66 5.11
C ALA B 52 -3.19 -1.58 4.93
N LEU B 53 -3.59 -0.43 4.39
CA LEU B 53 -2.66 0.69 4.26
C LEU B 53 -2.37 1.27 5.64
N ARG B 54 -1.09 1.48 5.94
CA ARG B 54 -0.72 2.20 7.15
C ARG B 54 0.31 3.25 6.79
N SER B 55 0.35 4.32 7.59
CA SER B 55 1.21 5.48 7.33
C SER B 55 2.59 5.31 7.94
N ALA B 56 2.69 4.49 8.98
CA ALA B 56 3.95 4.26 9.66
C ALA B 56 4.27 2.79 9.86
N LYS B 57 5.53 2.44 9.57
CA LYS B 57 6.09 1.14 9.94
C LYS B 57 5.95 0.94 11.46
N GLY B 58 5.15 -0.05 11.85
CA GLY B 58 4.92 -0.31 13.26
C GLY B 58 4.82 -1.78 13.61
N GLU B 59 3.85 -2.12 14.44
CA GLU B 59 3.74 -3.48 14.96
C GLU B 59 2.75 -4.34 14.19
N GLU B 60 2.95 -5.65 14.30
CA GLU B 60 2.13 -6.64 13.59
C GLU B 60 0.74 -6.68 14.18
N VAL B 61 -0.23 -6.22 13.40
CA VAL B 61 -1.64 -6.23 13.78
C VAL B 61 -2.09 -7.63 14.17
N ASP B 62 -2.58 -7.76 15.40
CA ASP B 62 -3.25 -8.98 15.81
C ASP B 62 -4.69 -8.97 15.26
N VAL B 63 -4.90 -9.57 14.09
CA VAL B 63 -6.19 -9.53 13.41
C VAL B 63 -7.31 -10.18 14.22
N ALA B 64 -6.92 -11.06 15.14
CA ALA B 64 -7.87 -11.73 16.03
C ALA B 64 -8.46 -10.78 17.07
N ARG B 65 -7.59 -10.01 17.72
CA ARG B 65 -8.04 -9.02 18.68
C ARG B 65 -8.77 -7.91 17.93
N ALA B 66 -8.28 -7.60 16.73
CA ALA B 66 -8.86 -6.56 15.90
C ALA B 66 -10.31 -6.89 15.53
N GLU B 67 -10.60 -8.17 15.33
CA GLU B 67 -11.97 -8.64 15.11
C GLU B 67 -12.80 -8.53 16.38
N ARG B 68 -12.23 -8.97 17.50
CA ARG B 68 -12.89 -8.83 18.80
C ARG B 68 -13.25 -7.37 19.08
N GLN B 69 -12.28 -6.49 18.88
CA GLN B 69 -12.47 -5.06 19.12
C GLN B 69 -13.51 -4.42 18.18
N HIS B 70 -13.65 -4.95 16.96
CA HIS B 70 -14.62 -4.45 15.99
C HIS B 70 -16.02 -4.98 16.33
N GLN B 71 -16.05 -6.19 16.87
CA GLN B 71 -17.27 -6.80 17.40
C GLN B 71 -17.83 -6.01 18.58
N LEU B 72 -16.97 -5.73 19.56
CA LEU B 72 -17.38 -4.92 20.70
C LEU B 72 -17.97 -3.58 20.23
N TYR B 73 -17.24 -2.87 19.39
CA TYR B 73 -17.68 -1.61 18.75
C TYR B 73 -19.11 -1.64 18.14
N VAL B 74 -19.41 -2.66 17.34
CA VAL B 74 -20.74 -2.77 16.75
C VAL B 74 -21.82 -3.03 17.80
N GLY B 75 -21.49 -3.88 18.77
CA GLY B 75 -22.35 -4.19 19.89
C GLY B 75 -22.74 -2.95 20.69
N VAL B 76 -21.82 -2.02 20.85
CA VAL B 76 -22.11 -0.75 21.55
C VAL B 76 -23.12 0.07 20.78
N LEU B 77 -22.89 0.23 19.47
CA LEU B 77 -23.81 0.94 18.61
C LEU B 77 -25.18 0.29 18.57
N GLY B 78 -25.21 -1.02 18.39
CA GLY B 78 -26.43 -1.75 18.14
C GLY B 78 -27.13 -2.34 19.34
N SER B 79 -26.38 -3.07 20.17
CA SER B 79 -26.98 -3.72 21.33
C SER B 79 -27.04 -2.79 22.53
N LYS B 80 -25.95 -2.09 22.79
CA LYS B 80 -25.89 -1.18 23.95
C LYS B 80 -26.68 0.13 23.77
N LEU B 81 -26.68 0.66 22.54
CA LEU B 81 -27.28 1.96 22.29
C LEU B 81 -28.55 1.89 21.45
N GLY B 82 -28.80 0.72 20.86
CA GLY B 82 -30.05 0.47 20.17
C GLY B 82 -30.19 0.99 18.74
N LEU B 83 -29.06 1.29 18.10
CA LEU B 83 -29.07 1.67 16.68
C LEU B 83 -29.34 0.45 15.80
N GLN B 84 -30.03 0.67 14.69
CA GLN B 84 -30.22 -0.39 13.69
C GLN B 84 -28.95 -0.51 12.86
N VAL B 85 -28.15 -1.54 13.08
CA VAL B 85 -26.90 -1.64 12.35
C VAL B 85 -27.00 -2.48 11.07
N VAL B 86 -26.54 -1.92 9.97
CA VAL B 86 -26.29 -2.67 8.74
C VAL B 86 -24.81 -3.04 8.67
N GLU B 87 -24.52 -4.33 8.56
CA GLU B 87 -23.14 -4.80 8.49
C GLU B 87 -22.83 -5.32 7.10
N LEU B 88 -22.33 -4.45 6.24
CA LEU B 88 -22.01 -4.88 4.90
C LEU B 88 -20.96 -5.95 5.04
N PRO B 89 -20.90 -6.91 4.10
CA PRO B 89 -19.95 -8.02 4.27
C PRO B 89 -18.53 -7.56 3.95
N ALA B 90 -17.54 -8.20 4.57
CA ALA B 90 -16.16 -7.88 4.26
C ALA B 90 -15.81 -8.27 2.82
N ASP B 91 -14.78 -7.62 2.29
CA ASP B 91 -14.21 -7.97 0.99
C ASP B 91 -12.73 -8.32 1.24
N GLU B 92 -12.39 -9.60 1.16
CA GLU B 92 -11.03 -10.03 1.47
C GLU B 92 -9.97 -9.36 0.60
N SER B 93 -10.37 -8.85 -0.55
CA SER B 93 -9.49 -8.17 -1.49
C SER B 93 -9.39 -6.65 -1.27
N LEU B 94 -10.17 -6.13 -0.33
CA LEU B 94 -10.12 -4.70 0.04
C LEU B 94 -9.83 -4.56 1.53
N PRO B 95 -8.53 -4.60 1.89
CA PRO B 95 -8.02 -4.67 3.26
C PRO B 95 -8.49 -3.53 4.18
N ASP B 96 -9.05 -2.48 3.61
CA ASP B 96 -9.40 -1.29 4.37
C ASP B 96 -10.91 -1.09 4.41
N CYS B 97 -11.65 -2.09 3.94
CA CYS B 97 -13.12 -2.00 3.81
C CYS B 97 -13.85 -1.79 5.17
N VAL B 98 -13.13 -2.05 6.26
CA VAL B 98 -13.65 -1.81 7.60
C VAL B 98 -13.88 -0.31 7.92
N PHE B 99 -13.09 0.58 7.31
CA PHE B 99 -13.22 2.02 7.55
C PHE B 99 -14.22 2.66 6.61
N VAL B 100 -15.49 2.32 6.82
CA VAL B 100 -16.60 2.76 5.98
C VAL B 100 -16.86 4.27 6.03
N GLU B 101 -16.35 4.93 7.05
CA GLU B 101 -16.52 6.38 7.16
C GLU B 101 -15.96 7.16 5.98
N ASP B 102 -14.92 6.64 5.34
CA ASP B 102 -14.24 7.44 4.33
C ASP B 102 -14.96 7.42 2.99
N VAL B 103 -15.75 6.39 2.75
CA VAL B 103 -16.46 6.25 1.47
C VAL B 103 -17.83 6.95 1.41
N ALA B 104 -18.23 7.62 2.49
CA ALA B 104 -19.52 8.31 2.49
C ALA B 104 -19.77 9.21 3.69
N VAL B 105 -20.14 10.46 3.40
CA VAL B 105 -20.55 11.42 4.42
C VAL B 105 -22.05 11.66 4.27
N VAL B 106 -22.77 11.54 5.38
CA VAL B 106 -24.22 11.74 5.37
C VAL B 106 -24.60 12.96 6.21
N CYS B 107 -25.55 13.73 5.69
CA CYS B 107 -26.03 14.91 6.35
C CYS B 107 -27.52 14.90 6.09
N GLU B 108 -28.30 14.76 7.16
CA GLU B 108 -29.76 14.65 7.09
C GLU B 108 -30.24 13.47 6.24
N GLU B 109 -30.95 13.76 5.16
CA GLU B 109 -31.39 12.74 4.23
C GLU B 109 -30.45 12.61 3.02
N THR B 110 -29.40 13.43 3.00
CA THR B 110 -28.53 13.51 1.85
C THR B 110 -27.24 12.73 2.09
N ALA B 111 -26.90 11.87 1.14
CA ALA B 111 -25.66 11.11 1.20
C ALA B 111 -24.70 11.61 0.12
N LEU B 112 -23.44 11.82 0.50
CA LEU B 112 -22.40 11.97 -0.50
C LEU B 112 -21.51 10.72 -0.52
N ILE B 113 -21.60 9.97 -1.62
CA ILE B 113 -20.65 8.90 -1.87
C ILE B 113 -19.38 9.57 -2.39
N THR B 114 -18.32 9.55 -1.58
CA THR B 114 -17.10 10.29 -1.90
C THR B 114 -16.22 9.56 -2.91
N ARG B 115 -15.14 10.23 -3.32
CA ARG B 115 -14.12 9.59 -4.16
C ARG B 115 -12.81 9.54 -3.38
N PRO B 116 -12.56 8.38 -2.74
CA PRO B 116 -11.45 8.12 -1.82
C PRO B 116 -10.08 8.53 -2.35
N GLY B 117 -9.31 9.22 -1.52
CA GLY B 117 -8.01 9.73 -1.91
C GLY B 117 -7.06 8.64 -2.37
N ALA B 118 -7.21 7.46 -1.78
CA ALA B 118 -6.42 6.30 -2.19
C ALA B 118 -7.23 5.51 -3.22
N PRO B 119 -6.69 5.39 -4.44
CA PRO B 119 -7.37 4.81 -5.60
C PRO B 119 -7.85 3.37 -5.39
N SER B 120 -7.13 2.60 -4.59
CA SER B 120 -7.52 1.20 -4.36
C SER B 120 -8.74 1.08 -3.47
N ARG B 121 -8.91 2.03 -2.56
CA ARG B 121 -10.05 2.04 -1.66
C ARG B 121 -11.34 2.43 -2.38
N ARG B 122 -11.24 2.80 -3.66
CA ARG B 122 -12.41 3.28 -4.41
C ARG B 122 -13.45 2.20 -4.74
N LYS B 123 -13.02 0.94 -4.72
CA LYS B 123 -13.90 -0.18 -5.02
C LYS B 123 -14.83 -0.51 -3.85
N GLU B 124 -14.60 0.17 -2.73
CA GLU B 124 -15.38 0.00 -1.50
C GLU B 124 -16.71 0.75 -1.55
N VAL B 125 -16.76 1.78 -2.38
CA VAL B 125 -17.91 2.69 -2.48
C VAL B 125 -19.21 2.01 -2.92
N ASP B 126 -19.11 1.04 -3.83
CA ASP B 126 -20.30 0.49 -4.47
C ASP B 126 -21.25 -0.19 -3.50
N MET B 127 -20.68 -0.93 -2.55
CA MET B 127 -21.49 -1.63 -1.55
C MET B 127 -22.23 -0.67 -0.63
N MET B 128 -21.57 0.45 -0.36
CA MET B 128 -22.06 1.50 0.52
C MET B 128 -23.14 2.31 -0.17
N LYS B 129 -22.97 2.53 -1.47
CA LYS B 129 -23.96 3.26 -2.24
C LYS B 129 -25.31 2.56 -2.22
N GLU B 130 -25.32 1.26 -2.52
CA GLU B 130 -26.57 0.52 -2.59
C GLU B 130 -27.21 0.37 -1.20
N ALA B 131 -26.38 0.35 -0.16
CA ALA B 131 -26.87 0.26 1.21
C ALA B 131 -27.56 1.56 1.64
N LEU B 132 -27.05 2.68 1.18
CA LEU B 132 -27.67 3.96 1.48
C LEU B 132 -28.89 4.17 0.58
N GLU B 133 -28.88 3.52 -0.58
CA GLU B 133 -29.99 3.56 -1.51
C GLU B 133 -31.18 2.84 -0.91
N LYS B 134 -30.87 1.80 -0.13
CA LYS B 134 -31.86 0.96 0.51
C LYS B 134 -32.41 1.61 1.78
N LEU B 135 -31.69 2.59 2.29
CA LEU B 135 -32.16 3.42 3.41
C LEU B 135 -32.81 4.71 2.91
N GLN B 136 -33.20 4.72 1.64
CA GLN B 136 -33.93 5.85 1.06
C GLN B 136 -33.26 7.20 1.32
N LEU B 137 -32.00 7.34 0.97
CA LEU B 137 -31.36 8.65 1.08
C LEU B 137 -31.24 9.30 -0.30
N ASN B 138 -31.07 10.62 -0.31
CA ASN B 138 -30.79 11.33 -1.56
C ASN B 138 -29.31 11.25 -1.83
N ILE B 139 -28.94 10.42 -2.78
CA ILE B 139 -27.54 10.04 -2.92
C ILE B 139 -26.81 10.83 -3.99
N VAL B 140 -25.66 11.39 -3.61
CA VAL B 140 -24.87 12.19 -4.52
C VAL B 140 -23.45 11.63 -4.61
N GLU B 141 -23.06 11.20 -5.82
CA GLU B 141 -21.75 10.57 -6.03
C GLU B 141 -20.66 11.54 -6.51
N MET B 142 -19.47 11.41 -5.92
CA MET B 142 -18.30 12.15 -6.36
C MET B 142 -17.66 11.47 -7.56
N LYS B 143 -18.06 11.88 -8.76
CA LYS B 143 -17.61 11.26 -10.02
C LYS B 143 -16.33 11.89 -10.59
N ASP B 144 -16.25 13.22 -10.51
CA ASP B 144 -15.12 14.01 -10.99
C ASP B 144 -13.78 13.33 -10.74
N GLU B 145 -12.99 13.18 -11.81
CA GLU B 145 -11.72 12.47 -11.79
C GLU B 145 -10.61 13.30 -11.14
N ASN B 146 -10.87 14.58 -10.96
CA ASN B 146 -9.88 15.44 -10.32
C ASN B 146 -10.30 15.79 -8.91
N ALA B 147 -11.32 15.08 -8.43
CA ALA B 147 -11.82 15.22 -7.08
C ALA B 147 -11.51 13.95 -6.31
N THR B 148 -10.79 14.10 -5.21
CA THR B 148 -10.69 13.07 -4.19
C THR B 148 -11.22 13.65 -2.89
N LEU B 149 -11.78 12.78 -2.05
CA LEU B 149 -12.15 13.15 -0.68
C LEU B 149 -12.35 11.91 0.17
N ASP B 150 -11.68 11.91 1.32
CA ASP B 150 -11.86 10.90 2.34
C ASP B 150 -12.86 11.39 3.40
N GLY B 151 -13.85 10.56 3.72
CA GLY B 151 -14.86 10.91 4.72
C GLY B 151 -14.31 11.36 6.07
N GLY B 152 -13.14 10.85 6.43
CA GLY B 152 -12.52 11.17 7.71
C GLY B 152 -11.75 12.47 7.71
N ASP B 153 -11.94 13.28 6.67
CA ASP B 153 -11.39 14.63 6.63
C ASP B 153 -12.51 15.63 6.84
N VAL B 154 -13.72 15.12 6.96
CA VAL B 154 -14.88 15.97 7.17
C VAL B 154 -15.33 15.97 8.63
N LEU B 155 -15.24 17.14 9.27
CA LEU B 155 -15.86 17.33 10.56
C LEU B 155 -17.13 18.15 10.41
N PHE B 156 -18.28 17.50 10.58
CA PHE B 156 -19.55 18.20 10.54
C PHE B 156 -19.90 18.63 11.97
N THR B 157 -20.06 19.92 12.16
CA THR B 157 -20.28 20.48 13.50
C THR B 157 -21.76 20.56 13.91
N GLY B 158 -22.67 20.38 12.94
CA GLY B 158 -24.09 20.50 13.19
C GLY B 158 -24.63 21.83 12.68
N ARG B 159 -23.72 22.69 12.24
CA ARG B 159 -24.11 23.96 11.66
C ARG B 159 -23.08 24.46 10.65
N GLU B 160 -22.25 23.56 10.14
CA GLU B 160 -21.11 23.96 9.34
C GLU B 160 -20.27 22.73 9.06
N PHE B 161 -19.59 22.71 7.93
CA PHE B 161 -18.62 21.65 7.69
C PHE B 161 -17.24 22.23 7.83
N PHE B 162 -16.31 21.38 8.22
CA PHE B 162 -14.88 21.64 8.05
C PHE B 162 -14.30 20.46 7.27
N VAL B 163 -13.71 20.73 6.11
CA VAL B 163 -13.02 19.69 5.35
C VAL B 163 -11.52 19.94 5.41
N GLY B 164 -10.76 18.86 5.54
CA GLY B 164 -9.31 18.98 5.57
C GLY B 164 -8.67 18.78 4.21
N LEU B 165 -7.92 19.77 3.76
CA LEU B 165 -7.12 19.60 2.57
C LEU B 165 -5.85 18.84 2.97
N SER B 166 -5.82 17.54 2.66
CA SER B 166 -4.75 16.64 3.05
C SER B 166 -4.26 15.84 1.82
N LYS B 167 -3.52 14.76 2.06
CA LYS B 167 -3.08 13.88 0.97
C LYS B 167 -4.25 13.15 0.31
N ARG B 168 -5.35 13.03 1.03
CA ARG B 168 -6.46 12.19 0.58
C ARG B 168 -7.58 13.02 -0.03
N THR B 169 -7.73 14.22 0.50
CA THR B 169 -8.80 15.12 0.11
C THR B 169 -8.19 16.42 -0.40
N ASN B 170 -8.73 16.91 -1.50
CA ASN B 170 -8.13 18.06 -2.18
C ASN B 170 -9.13 19.17 -2.41
N GLN B 171 -8.67 20.24 -3.06
CA GLN B 171 -9.55 21.35 -3.34
C GLN B 171 -10.85 20.91 -4.04
N ARG B 172 -10.71 20.08 -5.07
CA ARG B 172 -11.88 19.73 -5.89
C ARG B 172 -12.92 18.83 -5.22
N GLY B 173 -12.49 17.84 -4.45
CA GLY B 173 -13.41 17.02 -3.68
C GLY B 173 -14.17 17.82 -2.62
N ALA B 174 -13.44 18.64 -1.87
CA ALA B 174 -14.05 19.56 -0.92
C ALA B 174 -15.06 20.47 -1.60
N GLU B 175 -14.78 20.84 -2.85
CA GLU B 175 -15.66 21.70 -3.63
C GLU B 175 -17.00 21.02 -3.91
N ILE B 176 -16.95 19.72 -4.21
CA ILE B 176 -18.14 18.94 -4.51
C ILE B 176 -18.96 18.63 -3.25
N LEU B 177 -18.28 18.55 -2.11
CA LEU B 177 -18.98 18.33 -0.84
C LEU B 177 -19.74 19.57 -0.42
N ALA B 178 -19.25 20.74 -0.82
CA ALA B 178 -19.94 22.00 -0.56
C ALA B 178 -21.19 22.12 -1.43
N ASP B 179 -21.07 21.66 -2.68
CA ASP B 179 -22.19 21.67 -3.62
C ASP B 179 -23.30 20.70 -3.22
N THR B 180 -22.95 19.68 -2.44
CA THR B 180 -23.92 18.64 -2.08
C THR B 180 -24.80 19.08 -0.89
N PHE B 181 -24.17 19.66 0.11
CA PHE B 181 -24.91 20.19 1.23
C PHE B 181 -24.88 21.72 1.16
N LYS B 182 -25.87 22.28 0.48
CA LYS B 182 -25.98 23.73 0.31
C LYS B 182 -26.75 24.40 1.46
N ASP B 183 -27.30 23.58 2.36
CA ASP B 183 -27.94 24.11 3.55
C ASP B 183 -26.91 24.50 4.59
N TYR B 184 -25.63 24.27 4.27
CA TYR B 184 -24.52 24.47 5.20
C TYR B 184 -23.34 25.16 4.55
N ALA B 185 -22.57 25.87 5.35
CA ALA B 185 -21.32 26.48 4.87
C ALA B 185 -20.18 25.48 5.02
N VAL B 186 -19.25 25.48 4.06
CA VAL B 186 -18.13 24.54 4.08
C VAL B 186 -16.81 25.27 4.08
N SER B 187 -16.07 25.13 5.18
CA SER B 187 -14.72 25.66 5.30
C SER B 187 -13.67 24.55 5.17
N THR B 188 -12.47 24.93 4.77
CA THR B 188 -11.35 24.01 4.58
C THR B 188 -10.23 24.29 5.57
N VAL B 189 -9.41 23.27 5.83
CA VAL B 189 -8.28 23.40 6.75
C VAL B 189 -7.15 22.46 6.39
N PRO B 190 -5.92 23.00 6.29
CA PRO B 190 -4.73 22.20 6.06
C PRO B 190 -4.62 21.03 7.04
N VAL B 191 -4.25 19.80 6.58
CA VAL B 191 -4.05 18.62 7.49
C VAL B 191 -2.64 18.02 7.32
N ALA B 192 -1.96 17.85 8.44
CA ALA B 192 -0.57 17.47 8.50
C ALA B 192 -0.14 16.07 8.13
N ASP B 193 0.27 15.90 6.87
CA ASP B 193 0.94 14.66 6.41
C ASP B 193 0.07 13.39 6.13
N GLY B 194 0.35 12.33 6.85
CA GLY B 194 -0.41 11.11 6.63
C GLY B 194 -1.60 11.05 7.57
N LEU B 195 -2.16 12.23 7.84
CA LEU B 195 -3.26 12.35 8.78
C LEU B 195 -4.53 12.84 8.10
N HIS B 196 -5.65 12.68 8.79
CA HIS B 196 -6.92 13.21 8.35
C HIS B 196 -7.43 14.14 9.45
N LEU B 197 -8.26 15.10 9.06
CA LEU B 197 -8.77 16.09 9.99
C LEU B 197 -9.12 15.45 11.33
N LYS B 198 -9.93 14.40 11.28
CA LYS B 198 -10.44 13.82 12.52
C LYS B 198 -9.46 12.82 13.14
N SER B 199 -8.18 13.00 12.84
CA SER B 199 -7.12 12.26 13.52
C SER B 199 -6.75 12.97 14.83
N PHE B 200 -7.23 14.20 14.98
CA PHE B 200 -6.97 14.99 16.18
C PHE B 200 -8.17 15.82 16.61
N CYS B 201 -9.32 15.51 16.03
CA CYS B 201 -10.57 16.14 16.47
C CYS B 201 -11.81 15.31 16.11
N SER B 202 -12.93 15.75 16.69
CA SER B 202 -14.26 15.17 16.45
C SER B 202 -15.23 15.87 17.41
N MET B 203 -16.53 15.78 17.11
CA MET B 203 -17.53 16.43 17.94
C MET B 203 -17.73 15.65 19.25
N ALA B 204 -17.49 16.30 20.37
CA ALA B 204 -17.69 15.65 21.67
C ALA B 204 -19.08 16.00 22.26
N GLY B 205 -19.80 16.90 21.60
CA GLY B 205 -21.13 17.26 22.01
C GLY B 205 -21.63 18.39 21.14
N PRO B 206 -22.83 18.89 21.41
CA PRO B 206 -23.29 20.12 20.74
C PRO B 206 -22.40 21.36 21.06
N ASN B 207 -21.94 22.01 20.00
CA ASN B 207 -21.02 23.13 20.10
C ASN B 207 -19.71 22.78 20.83
N LEU B 208 -19.43 21.49 20.95
CA LEU B 208 -18.26 21.01 21.66
C LEU B 208 -17.31 20.23 20.74
N ILE B 209 -16.18 20.85 20.40
CA ILE B 209 -15.18 20.22 19.56
C ILE B 209 -14.12 19.61 20.46
N ALA B 210 -13.91 18.31 20.29
CA ALA B 210 -12.81 17.61 20.96
C ALA B 210 -11.53 17.84 20.16
N ILE B 211 -10.48 18.31 20.83
CA ILE B 211 -9.24 18.66 20.14
C ILE B 211 -7.99 18.25 20.91
N GLY B 212 -6.94 17.89 20.16
CA GLY B 212 -5.65 17.53 20.73
C GLY B 212 -4.85 18.74 21.15
N SER B 213 -3.58 18.51 21.49
CA SER B 213 -2.77 19.48 22.22
C SER B 213 -1.53 19.97 21.49
N SER B 214 -1.17 19.28 20.40
CA SER B 214 0.03 19.64 19.66
C SER B 214 -0.14 20.99 18.98
N GLU B 215 0.97 21.63 18.63
CA GLU B 215 0.92 22.89 17.91
C GLU B 215 0.09 22.75 16.61
N SER B 216 0.11 21.56 16.01
CA SER B 216 -0.68 21.28 14.81
C SER B 216 -2.16 21.23 15.13
N ALA B 217 -2.57 20.30 16.00
CA ALA B 217 -3.97 20.21 16.41
C ALA B 217 -4.48 21.60 16.79
N GLN B 218 -3.65 22.37 17.46
CA GLN B 218 -4.05 23.69 17.92
C GLN B 218 -4.08 24.73 16.80
N LYS B 219 -3.19 24.57 15.82
CA LYS B 219 -3.21 25.41 14.62
C LYS B 219 -4.55 25.33 13.89
N ALA B 220 -4.99 24.11 13.58
CA ALA B 220 -6.25 23.89 12.87
C ALA B 220 -7.49 24.43 13.60
N LEU B 221 -7.47 24.39 14.93
CA LEU B 221 -8.60 24.84 15.73
C LEU B 221 -8.81 26.34 15.66
N LYS B 222 -7.73 27.10 15.76
CA LYS B 222 -7.82 28.54 15.59
C LYS B 222 -8.38 28.87 14.21
N ILE B 223 -7.81 28.25 13.18
CA ILE B 223 -8.25 28.45 11.81
C ILE B 223 -9.73 28.16 11.69
N MET B 224 -10.12 26.96 12.12
CA MET B 224 -11.52 26.59 12.14
C MET B 224 -12.33 27.64 12.87
N GLN B 225 -11.98 27.88 14.14
CA GLN B 225 -12.69 28.83 14.99
C GLN B 225 -12.92 30.17 14.32
N GLN B 226 -11.86 30.70 13.70
CA GLN B 226 -11.85 32.06 13.15
C GLN B 226 -12.57 32.19 11.81
N MET B 227 -12.88 31.06 11.20
CA MET B 227 -13.63 31.02 9.95
C MET B 227 -15.13 30.86 10.17
N SER B 228 -15.48 30.39 11.38
CA SER B 228 -16.88 30.18 11.76
C SER B 228 -17.52 31.49 12.21
N ASP B 229 -18.82 31.62 11.96
CA ASP B 229 -19.55 32.77 12.47
C ASP B 229 -20.09 32.47 13.87
N HIS B 230 -19.44 31.51 14.54
CA HIS B 230 -19.77 31.16 15.91
C HIS B 230 -18.65 30.34 16.56
N ARG B 231 -18.15 30.84 17.69
CA ARG B 231 -17.05 30.19 18.40
C ARG B 231 -17.54 28.97 19.17
N TYR B 232 -16.83 27.86 19.01
CA TYR B 232 -17.22 26.62 19.66
C TYR B 232 -16.64 26.53 21.06
N ASP B 233 -17.21 25.66 21.87
CA ASP B 233 -16.56 25.26 23.11
C ASP B 233 -15.63 24.13 22.70
N LYS B 234 -14.67 23.77 23.56
CA LYS B 234 -13.70 22.75 23.19
C LYS B 234 -13.35 21.82 24.34
N LEU B 235 -13.14 20.55 24.02
CA LEU B 235 -12.54 19.60 24.94
C LEU B 235 -11.12 19.29 24.49
N THR B 236 -10.15 19.68 25.31
CA THR B 236 -8.73 19.44 25.04
C THR B 236 -8.23 18.17 25.74
N VAL B 237 -7.78 17.20 24.95
CA VAL B 237 -7.22 15.96 25.50
C VAL B 237 -5.71 15.91 25.26
N PRO B 238 -4.96 15.31 26.21
CA PRO B 238 -3.50 15.33 26.08
C PRO B 238 -3.00 14.56 24.85
N ASP B 239 -3.88 13.82 24.20
CA ASP B 239 -3.49 12.91 23.11
C ASP B 239 -4.33 13.13 21.84
N ASP B 240 -3.69 13.60 20.76
CA ASP B 240 -4.36 13.79 19.47
C ASP B 240 -5.21 12.61 18.97
N ILE B 241 -4.70 11.39 19.09
CA ILE B 241 -5.51 10.26 18.63
C ILE B 241 -6.79 10.13 19.45
N ALA B 242 -6.68 10.38 20.75
CA ALA B 242 -7.80 10.22 21.67
C ALA B 242 -8.84 11.31 21.49
N ALA B 243 -8.53 12.33 20.68
CA ALA B 243 -9.50 13.39 20.38
C ALA B 243 -10.58 12.89 19.42
N ASN B 244 -10.32 11.79 18.72
CA ASN B 244 -11.34 11.19 17.88
C ASN B 244 -12.25 10.33 18.74
N CYS B 245 -13.55 10.63 18.66
CA CYS B 245 -14.54 10.00 19.52
C CYS B 245 -15.88 10.01 18.82
N ILE B 246 -16.82 9.25 19.35
CA ILE B 246 -18.16 9.25 18.80
C ILE B 246 -19.12 9.84 19.81
N TYR B 247 -19.79 10.92 19.41
CA TYR B 247 -20.82 11.51 20.23
C TYR B 247 -22.18 11.08 19.67
N LEU B 248 -23.09 10.68 20.55
CA LEU B 248 -24.45 10.33 20.16
C LEU B 248 -25.45 10.98 21.12
N ASN B 249 -26.68 11.13 20.65
CA ASN B 249 -27.77 11.53 21.52
C ASN B 249 -28.81 10.42 21.47
N ILE B 250 -28.74 9.54 22.46
CA ILE B 250 -29.61 8.36 22.51
C ILE B 250 -30.86 8.68 23.32
N PRO B 251 -32.02 8.28 22.80
CA PRO B 251 -33.30 8.52 23.52
C PRO B 251 -33.29 7.94 24.89
N ASN B 252 -33.73 8.71 25.88
CA ASN B 252 -33.69 8.34 27.30
C ASN B 252 -32.26 8.06 27.79
N LYS B 253 -31.35 9.00 27.49
CA LYS B 253 -29.96 8.93 27.89
C LYS B 253 -29.36 10.31 27.85
N GLY B 254 -29.58 10.90 26.61
CA GLY B 254 -29.01 12.20 26.30
C GLY B 254 -27.58 12.02 25.80
N HIS B 255 -26.64 12.74 26.40
CA HIS B 255 -25.23 12.68 26.05
C HIS B 255 -24.56 11.33 26.14
N VAL B 256 -24.18 10.75 25.00
CA VAL B 256 -23.40 9.50 24.98
C VAL B 256 -22.09 9.65 24.17
N LEU B 257 -20.96 9.29 24.77
CA LEU B 257 -19.65 9.41 24.10
C LEU B 257 -18.75 8.16 24.19
N LEU B 258 -18.44 7.59 23.02
CA LEU B 258 -17.49 6.47 22.93
C LEU B 258 -16.07 7.02 22.81
N HIS B 259 -15.25 6.74 23.81
CA HIS B 259 -13.88 7.25 23.86
C HIS B 259 -12.93 6.09 24.09
N ARG B 260 -11.65 6.30 23.80
CA ARG B 260 -10.65 5.25 23.92
C ARG B 260 -10.55 4.79 25.38
N THR B 261 -9.67 3.83 25.65
CA THR B 261 -9.54 3.33 27.02
C THR B 261 -8.49 4.10 27.80
N PRO B 262 -8.58 4.04 29.13
CA PRO B 262 -7.45 4.46 29.97
C PRO B 262 -6.30 3.47 29.82
N GLU B 263 -6.61 2.25 29.39
CA GLU B 263 -5.57 1.29 29.07
C GLU B 263 -4.77 1.84 27.88
N GLU B 264 -5.46 2.58 27.02
CA GLU B 264 -4.90 3.09 25.77
C GLU B 264 -4.28 4.48 25.86
N TYR B 265 -5.07 5.44 26.34
CA TYR B 265 -4.64 6.82 26.44
C TYR B 265 -5.19 7.37 27.75
N PRO B 266 -4.55 7.00 28.88
CA PRO B 266 -5.10 7.23 30.22
C PRO B 266 -5.25 8.70 30.61
N GLU B 267 -4.39 9.55 30.08
CA GLU B 267 -4.48 10.99 30.33
C GLU B 267 -5.70 11.60 29.66
N SER B 268 -6.06 11.08 28.49
CA SER B 268 -7.23 11.57 27.76
C SER B 268 -8.48 10.98 28.37
N ALA B 269 -8.42 9.71 28.71
CA ALA B 269 -9.53 9.08 29.43
C ALA B 269 -9.79 9.83 30.74
N LYS B 270 -8.74 10.44 31.30
CA LYS B 270 -8.87 11.34 32.46
C LYS B 270 -9.77 12.56 32.13
N VAL B 271 -9.53 13.12 30.94
CA VAL B 271 -10.22 14.32 30.46
C VAL B 271 -11.67 14.03 30.10
N TYR B 272 -11.94 12.78 29.71
CA TYR B 272 -13.27 12.32 29.33
C TYR B 272 -14.11 11.94 30.54
N GLU B 273 -13.44 11.44 31.58
CA GLU B 273 -14.16 11.04 32.76
C GLU B 273 -14.69 12.24 33.50
N LYS B 274 -14.27 13.43 33.10
CA LYS B 274 -14.77 14.66 33.73
C LYS B 274 -16.10 15.14 33.14
N LEU B 275 -16.47 14.63 31.97
CA LEU B 275 -17.77 14.98 31.38
C LEU B 275 -18.92 14.51 32.27
N LYS B 276 -19.37 15.40 33.16
CA LYS B 276 -20.34 15.04 34.19
C LYS B 276 -21.78 14.83 33.70
N ASP B 277 -22.08 15.28 32.49
CA ASP B 277 -23.43 15.09 31.93
C ASP B 277 -23.45 14.05 30.81
N HIS B 278 -22.31 13.41 30.59
CA HIS B 278 -22.15 12.43 29.52
C HIS B 278 -22.14 10.99 30.02
N MET B 279 -22.86 10.14 29.30
CA MET B 279 -22.70 8.69 29.45
C MET B 279 -21.47 8.25 28.64
N LEU B 280 -20.43 7.84 29.35
CA LEU B 280 -19.17 7.46 28.73
C LEU B 280 -19.11 5.95 28.45
N ILE B 281 -18.49 5.59 27.34
CA ILE B 281 -18.28 4.19 26.96
C ILE B 281 -16.86 4.03 26.42
N PRO B 282 -15.93 3.53 27.25
CA PRO B 282 -14.57 3.29 26.73
C PRO B 282 -14.58 2.16 25.70
N VAL B 283 -14.10 2.48 24.50
CA VAL B 283 -14.04 1.53 23.39
C VAL B 283 -12.61 1.46 22.86
N SER B 284 -12.02 0.27 22.94
CA SER B 284 -10.66 0.03 22.48
C SER B 284 -10.54 -0.14 20.96
N MET B 285 -9.44 0.38 20.42
CA MET B 285 -9.11 0.27 19.01
C MET B 285 -7.59 0.14 18.87
N SER B 286 -6.96 -0.51 19.86
CA SER B 286 -5.52 -0.83 19.87
C SER B 286 -5.02 -1.32 18.51
N GLU B 287 -5.70 -2.32 17.97
CA GLU B 287 -5.27 -3.02 16.76
C GLU B 287 -5.45 -2.22 15.45
N LEU B 288 -6.68 -1.84 15.15
CA LEU B 288 -6.96 -1.07 13.94
C LEU B 288 -6.19 0.25 13.89
N GLU B 289 -5.91 0.82 15.05
CA GLU B 289 -5.06 2.01 15.13
C GLU B 289 -3.69 1.86 14.46
N LYS B 290 -3.20 0.63 14.36
CA LYS B 290 -1.93 0.36 13.69
C LYS B 290 -2.01 0.66 12.19
N VAL B 291 -3.24 0.79 11.69
CA VAL B 291 -3.48 1.10 10.29
C VAL B 291 -4.32 2.38 10.19
N ASP B 292 -4.21 3.22 11.23
CA ASP B 292 -4.75 4.58 11.23
C ASP B 292 -6.26 4.61 11.39
N GLY B 293 -6.83 3.48 11.79
CA GLY B 293 -8.25 3.42 12.07
C GLY B 293 -8.51 3.88 13.49
N LEU B 294 -9.45 4.81 13.64
CA LEU B 294 -9.85 5.26 14.97
C LEU B 294 -11.33 4.97 15.15
N LEU B 295 -11.98 5.74 16.01
CA LEU B 295 -13.39 5.50 16.36
C LEU B 295 -14.39 5.86 15.27
N THR B 296 -14.30 7.08 14.78
CA THR B 296 -15.25 7.58 13.79
C THR B 296 -15.16 6.78 12.51
N CYS B 297 -13.96 6.29 12.23
CA CYS B 297 -13.66 5.67 10.94
C CYS B 297 -14.49 4.42 10.67
N CYS B 298 -15.02 3.78 11.70
CA CYS B 298 -15.60 2.45 11.51
C CYS B 298 -17.12 2.38 11.32
N SER B 299 -17.75 3.55 11.32
CA SER B 299 -19.19 3.64 11.11
C SER B 299 -19.60 4.85 10.29
N VAL B 300 -20.76 4.74 9.64
CA VAL B 300 -21.42 5.90 9.06
C VAL B 300 -22.76 6.05 9.78
N LEU B 301 -22.95 7.20 10.41
CA LEU B 301 -24.11 7.40 11.25
C LEU B 301 -25.23 8.10 10.48
N ILE B 302 -26.46 7.66 10.70
CA ILE B 302 -27.62 8.15 9.96
C ILE B 302 -28.85 8.40 10.85
N ASN B 303 -29.36 9.63 10.81
CA ASN B 303 -30.63 9.96 11.46
C ASN B 303 -31.76 9.84 10.44
N LYS B 304 -32.68 8.91 10.67
CA LYS B 304 -33.70 8.62 9.68
C LYS B 304 -35.11 8.85 10.23
N LYS B 305 -35.68 10.00 9.87
CA LYS B 305 -37.01 10.35 10.37
C LYS B 305 -38.11 9.48 9.74
#